data_3D5F
#
_entry.id   3D5F
#
_cell.length_a   39.456
_cell.length_b   92.829
_cell.length_c   96.454
_cell.angle_alpha   90.000
_cell.angle_beta   98.020
_cell.angle_gamma   90.000
#
_symmetry.space_group_name_H-M   'P 1 21 1'
#
loop_
_entity.id
_entity.type
_entity.pdbx_description
1 polymer 'Peroxisome proliferator-activated receptor delta'
2 non-polymer '{4-[3-(4-acetyl-3-hydroxy-2-propylphenoxy)propoxy]phenoxy}acetic acid'
3 water water
#
_entity_poly.entity_id   1
_entity_poly.type   'polypeptide(L)'
_entity_poly.pdbx_seq_one_letter_code
;LKAFSKHIYNAYLKNFNMTKKKARSILTGKASHTAPFVIHDIETLWQAEKGLVWKQLVNGLPPYKEISVHVFYRCQCTTV
ETVRELTEFAKSIPSFSSLFLNDQVTLLKYGVHEAIFAMLASIVNKDGLLVANGSGFVTREFLRSLRKPFSDIIEPKFEF
AVKFNALELDDSDLALFIAAIILCGDRPGLMNVPRVEAIQDTILRALEFHLQANHPDAQQLFPKLLQKMADLRQLVTEHA
QMMQRIKKTETETSLHPLLQEIYKDMY
;
_entity_poly.pdbx_strand_id   A,B
#
loop_
_chem_comp.id
_chem_comp.type
_chem_comp.name
_chem_comp.formula
L41 non-polymer '{4-[3-(4-acetyl-3-hydroxy-2-propylphenoxy)propoxy]phenoxy}acetic acid' 'C22 H26 O7'
#
# COMPACT_ATOMS: atom_id res chain seq x y z
N LEU A 1 1.07 8.71 -42.51
CA LEU A 1 0.47 7.40 -42.11
C LEU A 1 1.23 6.88 -40.89
N LYS A 2 2.56 6.82 -40.99
CA LYS A 2 3.35 6.36 -39.86
C LYS A 2 3.29 7.46 -38.80
N ALA A 3 3.07 8.70 -39.26
CA ALA A 3 2.99 9.85 -38.37
C ALA A 3 1.58 9.88 -37.75
N PHE A 4 0.59 9.55 -38.57
CA PHE A 4 -0.82 9.52 -38.17
C PHE A 4 -1.00 8.42 -37.14
N SER A 5 -0.29 7.32 -37.35
CA SER A 5 -0.33 6.17 -36.47
C SER A 5 0.29 6.52 -35.12
N LYS A 6 1.33 7.35 -35.12
CA LYS A 6 2.00 7.75 -33.89
C LYS A 6 1.07 8.72 -33.15
N HIS A 7 0.39 9.56 -33.93
CA HIS A 7 -0.52 10.53 -33.36
C HIS A 7 -1.63 9.78 -32.62
N ILE A 8 -2.21 8.76 -33.26
CA ILE A 8 -3.27 7.97 -32.63
C ILE A 8 -2.72 7.31 -31.38
N TYR A 9 -1.46 6.89 -31.44
CA TYR A 9 -0.84 6.23 -30.31
C TYR A 9 -0.73 7.18 -29.12
N ASN A 10 -0.39 8.44 -29.39
CA ASN A 10 -0.26 9.42 -28.32
C ASN A 10 -1.61 9.73 -27.69
N ALA A 11 -2.68 9.73 -28.49
CA ALA A 11 -4.01 10.01 -27.98
C ALA A 11 -4.43 8.89 -27.03
N TYR A 12 -4.00 7.68 -27.36
CA TYR A 12 -4.28 6.48 -26.58
C TYR A 12 -3.53 6.54 -25.24
N LEU A 13 -2.24 6.83 -25.32
CA LEU A 13 -1.38 6.93 -24.13
C LEU A 13 -1.81 8.02 -23.15
N LYS A 14 -2.34 9.11 -23.70
CA LYS A 14 -2.79 10.24 -22.89
C LYS A 14 -4.17 10.10 -22.28
N ASN A 15 -5.06 9.37 -22.95
CA ASN A 15 -6.42 9.19 -22.48
C ASN A 15 -6.81 7.93 -21.72
N PHE A 16 -5.94 6.93 -21.68
CA PHE A 16 -6.29 5.71 -20.96
C PHE A 16 -5.50 5.52 -19.69
N ASN A 17 -6.17 5.34 -18.56
CA ASN A 17 -5.44 5.16 -17.32
C ASN A 17 -4.79 3.80 -17.16
N MET A 18 -5.10 2.87 -18.08
CA MET A 18 -4.52 1.54 -18.02
C MET A 18 -4.17 1.00 -19.41
N THR A 19 -2.89 0.78 -19.65
CA THR A 19 -2.44 0.27 -20.94
C THR A 19 -2.10 -1.20 -20.72
N LYS A 20 -2.01 -1.95 -21.80
CA LYS A 20 -1.69 -3.36 -21.72
C LYS A 20 -0.28 -3.55 -21.17
N LYS A 21 0.65 -2.65 -21.52
CA LYS A 21 2.02 -2.77 -21.03
C LYS A 21 1.99 -2.93 -19.50
N LYS A 22 1.34 -1.98 -18.85
CA LYS A 22 1.22 -2.00 -17.41
C LYS A 22 0.56 -3.34 -17.03
N ALA A 23 -0.69 -3.51 -17.47
CA ALA A 23 -1.43 -4.73 -17.17
C ALA A 23 -0.57 -6.00 -17.17
N ARG A 24 0.13 -6.27 -18.26
CA ARG A 24 0.97 -7.47 -18.33
C ARG A 24 2.09 -7.49 -17.30
N SER A 25 2.61 -6.31 -16.95
CA SER A 25 3.68 -6.25 -15.97
C SER A 25 3.12 -6.56 -14.58
N ILE A 26 1.98 -5.96 -14.22
CA ILE A 26 1.40 -6.24 -12.91
C ILE A 26 1.11 -7.73 -12.80
N LEU A 27 0.49 -8.28 -13.83
CA LEU A 27 0.16 -9.70 -13.87
C LEU A 27 1.46 -10.48 -14.00
N THR A 28 2.57 -9.83 -13.71
CA THR A 28 3.88 -10.44 -13.81
C THR A 28 4.01 -11.14 -15.16
N GLY A 29 4.52 -10.41 -16.15
CA GLY A 29 4.68 -10.98 -17.47
C GLY A 29 5.91 -10.47 -18.20
N PRO A 36 -1.49 -6.64 -5.93
CA PRO A 36 -2.87 -6.83 -6.43
C PRO A 36 -3.60 -7.82 -5.52
N PHE A 37 -4.63 -7.33 -4.84
CA PHE A 37 -5.42 -8.15 -3.92
C PHE A 37 -6.37 -9.11 -4.63
N VAL A 38 -6.21 -10.41 -4.37
CA VAL A 38 -7.07 -11.42 -4.99
C VAL A 38 -8.48 -11.44 -4.42
N ILE A 39 -9.46 -11.15 -5.27
CA ILE A 39 -10.86 -11.15 -4.85
C ILE A 39 -11.38 -12.43 -5.45
N HIS A 40 -11.72 -13.39 -4.60
CA HIS A 40 -12.22 -14.68 -5.09
C HIS A 40 -13.52 -15.18 -4.45
N ASP A 41 -14.00 -14.49 -3.41
CA ASP A 41 -15.25 -14.88 -2.74
C ASP A 41 -15.91 -13.63 -2.14
N ILE A 42 -17.03 -13.80 -1.44
CA ILE A 42 -17.70 -12.66 -0.84
C ILE A 42 -16.82 -11.94 0.17
N GLU A 43 -16.14 -12.72 0.99
CA GLU A 43 -15.24 -12.21 2.03
C GLU A 43 -14.19 -11.27 1.46
N THR A 44 -13.41 -11.77 0.50
CA THR A 44 -12.37 -10.95 -0.11
C THR A 44 -12.90 -9.72 -0.84
N LEU A 45 -14.06 -9.83 -1.48
CA LEU A 45 -14.61 -8.68 -2.18
C LEU A 45 -15.01 -7.61 -1.18
N TRP A 46 -15.48 -8.04 -0.01
CA TRP A 46 -15.89 -7.12 1.03
C TRP A 46 -14.63 -6.46 1.57
N GLN A 47 -13.59 -7.27 1.64
CA GLN A 47 -12.28 -6.84 2.12
C GLN A 47 -11.72 -5.81 1.15
N ALA A 48 -11.95 -6.04 -0.14
CA ALA A 48 -11.47 -5.13 -1.17
C ALA A 48 -12.24 -3.83 -1.16
N GLU A 49 -13.57 -3.93 -1.05
CA GLU A 49 -14.43 -2.76 -1.04
C GLU A 49 -14.07 -1.82 0.09
N LYS A 50 -13.55 -2.36 1.18
CA LYS A 50 -13.18 -1.53 2.31
C LYS A 50 -11.87 -0.76 2.16
N GLY A 51 -10.82 -1.39 1.66
CA GLY A 51 -9.58 -0.64 1.54
C GLY A 51 -8.47 -1.19 0.66
N LEU A 52 -8.02 -2.41 0.95
CA LEU A 52 -6.93 -3.05 0.20
C LEU A 52 -6.99 -2.66 -1.28
N VAL A 53 -8.22 -2.50 -1.79
CA VAL A 53 -8.46 -2.14 -3.18
C VAL A 53 -9.17 -0.81 -3.32
N TRP A 54 -10.48 -0.82 -3.07
CA TRP A 54 -11.30 0.37 -3.16
C TRP A 54 -11.38 1.00 -1.80
N LEU A 61 -22.56 0.88 -6.76
CA LEU A 61 -22.90 2.17 -6.07
C LEU A 61 -24.34 2.18 -5.53
N PRO A 62 -25.33 1.75 -6.32
CA PRO A 62 -26.67 1.78 -5.74
C PRO A 62 -26.67 0.89 -4.49
N PRO A 63 -27.64 1.07 -3.58
CA PRO A 63 -27.66 0.25 -2.37
C PRO A 63 -27.35 -1.20 -2.68
N TYR A 64 -26.69 -1.88 -1.74
CA TYR A 64 -26.32 -3.29 -1.92
C TYR A 64 -27.55 -4.13 -2.26
N LYS A 65 -27.40 -5.45 -2.17
CA LYS A 65 -28.47 -6.41 -2.46
C LYS A 65 -27.98 -7.86 -2.52
N GLU A 66 -26.86 -8.10 -3.19
CA GLU A 66 -26.30 -9.44 -3.31
C GLU A 66 -24.99 -9.43 -4.09
N ILE A 67 -24.17 -10.46 -3.89
CA ILE A 67 -22.89 -10.55 -4.56
C ILE A 67 -22.92 -10.44 -6.08
N SER A 68 -23.76 -11.24 -6.74
CA SER A 68 -23.86 -11.22 -8.19
C SER A 68 -24.31 -9.88 -8.76
N VAL A 69 -25.23 -9.20 -8.06
CA VAL A 69 -25.73 -7.91 -8.51
C VAL A 69 -24.74 -6.79 -8.21
N HIS A 70 -23.98 -6.97 -7.14
CA HIS A 70 -23.00 -5.97 -6.76
C HIS A 70 -21.84 -6.00 -7.75
N VAL A 71 -21.50 -7.19 -8.26
CA VAL A 71 -20.40 -7.30 -9.22
C VAL A 71 -20.82 -6.76 -10.59
N PHE A 72 -22.12 -6.83 -10.87
CA PHE A 72 -22.65 -6.35 -12.14
C PHE A 72 -22.52 -4.81 -12.10
N TYR A 73 -22.84 -4.22 -10.95
CA TYR A 73 -22.74 -2.77 -10.83
C TYR A 73 -21.31 -2.30 -10.99
N ARG A 74 -20.34 -3.12 -10.59
CA ARG A 74 -18.91 -2.76 -10.72
C ARG A 74 -18.54 -2.82 -12.20
N CYS A 75 -19.15 -3.75 -12.94
CA CYS A 75 -18.86 -3.87 -14.38
C CYS A 75 -19.33 -2.55 -14.96
N GLN A 76 -20.55 -2.14 -14.61
CA GLN A 76 -21.12 -0.88 -15.09
C GLN A 76 -20.26 0.36 -14.80
N CYS A 77 -19.79 0.51 -13.54
CA CYS A 77 -18.96 1.65 -13.17
C CYS A 77 -17.75 1.66 -14.07
N THR A 78 -17.14 0.49 -14.20
CA THR A 78 -15.96 0.30 -15.03
C THR A 78 -16.19 0.65 -16.50
N THR A 79 -17.27 0.12 -17.07
CA THR A 79 -17.59 0.37 -18.48
C THR A 79 -17.93 1.84 -18.73
N VAL A 80 -18.74 2.45 -17.86
CA VAL A 80 -19.10 3.85 -18.05
C VAL A 80 -17.83 4.70 -18.00
N GLU A 81 -16.96 4.37 -17.05
CA GLU A 81 -15.70 5.07 -16.86
C GLU A 81 -14.82 4.92 -18.11
N THR A 82 -14.87 3.75 -18.75
CA THR A 82 -14.08 3.49 -19.95
C THR A 82 -14.70 4.24 -21.13
N VAL A 83 -16.01 4.44 -21.07
CA VAL A 83 -16.68 5.15 -22.14
C VAL A 83 -16.18 6.60 -22.09
N ARG A 84 -15.94 7.12 -20.88
CA ARG A 84 -15.46 8.50 -20.76
C ARG A 84 -14.06 8.59 -21.40
N GLU A 85 -13.25 7.55 -21.20
CA GLU A 85 -11.89 7.55 -21.76
C GLU A 85 -11.89 7.35 -23.29
N LEU A 86 -12.87 6.60 -23.81
CA LEU A 86 -12.95 6.36 -25.24
C LEU A 86 -13.46 7.61 -25.94
N THR A 87 -14.22 8.44 -25.23
CA THR A 87 -14.74 9.68 -25.79
C THR A 87 -13.58 10.66 -25.96
N GLU A 88 -12.70 10.72 -24.96
CA GLU A 88 -11.56 11.62 -25.05
C GLU A 88 -10.56 11.10 -26.07
N PHE A 89 -10.46 9.78 -26.20
CA PHE A 89 -9.54 9.20 -27.16
C PHE A 89 -9.97 9.56 -28.58
N ALA A 90 -11.24 9.34 -28.88
CA ALA A 90 -11.76 9.64 -30.20
C ALA A 90 -11.65 11.14 -30.46
N LYS A 91 -12.01 11.93 -29.46
CA LYS A 91 -11.95 13.38 -29.60
C LYS A 91 -10.51 13.85 -29.87
N SER A 92 -9.53 13.04 -29.45
CA SER A 92 -8.11 13.38 -29.65
C SER A 92 -7.66 12.94 -31.04
N ILE A 93 -8.62 12.56 -31.87
CA ILE A 93 -8.34 12.13 -33.23
C ILE A 93 -8.94 13.21 -34.17
N PRO A 94 -8.12 14.18 -34.60
CA PRO A 94 -8.50 15.28 -35.49
C PRO A 94 -9.66 15.02 -36.46
N SER A 95 -9.57 13.96 -37.25
CA SER A 95 -10.63 13.64 -38.21
C SER A 95 -11.97 13.41 -37.52
N PHE A 96 -11.96 12.65 -36.43
CA PHE A 96 -13.19 12.36 -35.69
C PHE A 96 -13.84 13.62 -35.14
N SER A 97 -13.02 14.57 -34.69
CA SER A 97 -13.54 15.81 -34.14
C SER A 97 -14.18 16.71 -35.19
N SER A 98 -13.89 16.43 -36.46
CA SER A 98 -14.43 17.20 -37.57
C SER A 98 -15.90 16.86 -37.81
N LEU A 99 -16.27 15.60 -37.62
CA LEU A 99 -17.65 15.18 -37.82
C LEU A 99 -18.58 15.94 -36.88
N PHE A 100 -19.84 16.06 -37.26
CA PHE A 100 -20.80 16.76 -36.43
C PHE A 100 -21.01 15.91 -35.20
N LEU A 101 -21.02 16.56 -34.04
CA LEU A 101 -21.20 15.86 -32.77
C LEU A 101 -22.22 14.73 -32.83
N ASN A 102 -23.27 14.87 -33.64
CA ASN A 102 -24.24 13.79 -33.69
C ASN A 102 -23.58 12.49 -34.21
N ASP A 103 -22.81 12.58 -35.29
CA ASP A 103 -22.17 11.38 -35.78
C ASP A 103 -21.15 10.86 -34.76
N GLN A 104 -20.50 11.78 -34.05
CA GLN A 104 -19.51 11.37 -33.05
C GLN A 104 -20.24 10.50 -32.02
N VAL A 105 -21.44 10.93 -31.64
CA VAL A 105 -22.23 10.19 -30.68
C VAL A 105 -22.69 8.85 -31.25
N THR A 106 -23.11 8.82 -32.51
CA THR A 106 -23.55 7.56 -33.10
C THR A 106 -22.43 6.53 -33.06
N LEU A 107 -21.24 6.96 -33.49
CA LEU A 107 -20.08 6.09 -33.51
C LEU A 107 -19.74 5.57 -32.10
N LEU A 108 -19.66 6.46 -31.12
CA LEU A 108 -19.35 6.01 -29.75
C LEU A 108 -20.43 5.05 -29.27
N LYS A 109 -21.69 5.43 -29.53
CA LYS A 109 -22.83 4.61 -29.11
C LYS A 109 -22.72 3.15 -29.49
N TYR A 110 -22.41 2.89 -30.75
CA TYR A 110 -22.29 1.54 -31.28
C TYR A 110 -20.88 0.93 -31.27
N GLY A 111 -19.88 1.70 -30.87
CA GLY A 111 -18.53 1.13 -30.86
C GLY A 111 -17.84 0.94 -29.50
N VAL A 112 -18.22 1.71 -28.49
CA VAL A 112 -17.53 1.57 -27.21
C VAL A 112 -17.49 0.15 -26.65
N HIS A 113 -18.62 -0.55 -26.62
CA HIS A 113 -18.57 -1.91 -26.09
C HIS A 113 -17.61 -2.79 -26.88
N GLU A 114 -17.63 -2.68 -28.21
CA GLU A 114 -16.74 -3.48 -29.03
C GLU A 114 -15.31 -3.11 -28.63
N ALA A 115 -15.06 -1.82 -28.41
CA ALA A 115 -13.74 -1.37 -28.02
C ALA A 115 -13.39 -1.78 -26.61
N ILE A 116 -14.38 -1.75 -25.73
CA ILE A 116 -14.16 -2.13 -24.35
C ILE A 116 -13.74 -3.59 -24.24
N PHE A 117 -14.46 -4.48 -24.91
CA PHE A 117 -14.09 -5.88 -24.83
C PHE A 117 -12.76 -6.21 -25.49
N ALA A 118 -12.35 -5.42 -26.47
CA ALA A 118 -11.06 -5.69 -27.12
C ALA A 118 -9.99 -5.35 -26.06
N MET A 119 -10.14 -4.19 -25.44
CA MET A 119 -9.20 -3.71 -24.41
C MET A 119 -9.26 -4.54 -23.13
N LEU A 120 -10.39 -5.21 -22.89
CA LEU A 120 -10.51 -6.02 -21.70
C LEU A 120 -9.43 -7.09 -21.79
N ALA A 121 -9.10 -7.49 -23.02
CA ALA A 121 -8.07 -8.50 -23.27
C ALA A 121 -6.75 -8.14 -22.64
N SER A 122 -6.46 -6.84 -22.60
CA SER A 122 -5.20 -6.38 -22.00
C SER A 122 -5.05 -6.72 -20.53
N ILE A 123 -6.15 -6.61 -19.79
CA ILE A 123 -6.08 -6.91 -18.37
C ILE A 123 -6.65 -8.26 -17.99
N VAL A 124 -6.68 -9.17 -18.97
CA VAL A 124 -7.20 -10.51 -18.75
C VAL A 124 -6.20 -11.64 -18.96
N ASN A 125 -6.43 -12.77 -18.28
CA ASN A 125 -5.59 -13.95 -18.40
C ASN A 125 -6.49 -15.14 -18.09
N LYS A 126 -6.05 -16.34 -18.44
CA LYS A 126 -6.82 -17.54 -18.21
C LYS A 126 -7.50 -17.62 -16.83
N ASP A 127 -6.91 -17.01 -15.81
CA ASP A 127 -7.48 -17.03 -14.47
C ASP A 127 -8.38 -15.91 -13.99
N GLY A 128 -8.33 -14.76 -14.65
CA GLY A 128 -9.17 -13.66 -14.22
C GLY A 128 -8.75 -12.35 -14.83
N LEU A 129 -9.14 -11.24 -14.21
CA LEU A 129 -8.77 -9.93 -14.73
C LEU A 129 -8.53 -8.96 -13.59
N LEU A 130 -7.90 -7.84 -13.90
CA LEU A 130 -7.61 -6.81 -12.90
C LEU A 130 -8.79 -5.86 -12.80
N VAL A 131 -8.90 -5.20 -11.64
CA VAL A 131 -9.96 -4.24 -11.39
C VAL A 131 -9.39 -3.11 -10.54
N ALA A 132 -10.11 -2.00 -10.45
CA ALA A 132 -9.66 -0.85 -9.67
C ALA A 132 -8.20 -0.52 -10.04
N ASN A 133 -8.03 0.04 -11.23
CA ASN A 133 -6.73 0.43 -11.77
C ASN A 133 -5.55 -0.48 -11.41
N GLY A 134 -5.69 -1.78 -11.65
CA GLY A 134 -4.60 -2.72 -11.38
C GLY A 134 -4.39 -3.17 -9.96
N SER A 135 -5.08 -2.57 -9.00
CA SER A 135 -4.93 -2.95 -7.60
C SER A 135 -5.54 -4.30 -7.22
N GLY A 136 -6.62 -4.68 -7.90
CA GLY A 136 -7.26 -5.94 -7.58
C GLY A 136 -7.23 -6.95 -8.72
N PHE A 137 -7.41 -8.21 -8.34
CA PHE A 137 -7.46 -9.27 -9.31
C PHE A 137 -8.70 -10.09 -8.92
N VAL A 138 -9.65 -10.17 -9.85
CA VAL A 138 -10.86 -10.93 -9.61
C VAL A 138 -10.70 -12.21 -10.41
N THR A 139 -10.93 -13.34 -9.74
CA THR A 139 -10.79 -14.64 -10.37
C THR A 139 -11.94 -15.02 -11.28
N ARG A 140 -11.60 -15.67 -12.37
CA ARG A 140 -12.61 -16.09 -13.32
C ARG A 140 -13.51 -17.07 -12.60
N GLU A 141 -12.92 -17.91 -11.74
CA GLU A 141 -13.70 -18.90 -10.98
C GLU A 141 -14.80 -18.21 -10.18
N PHE A 142 -14.40 -17.23 -9.37
CA PHE A 142 -15.36 -16.49 -8.57
C PHE A 142 -16.45 -15.99 -9.53
N LEU A 143 -16.05 -15.21 -10.52
CA LEU A 143 -17.02 -14.68 -11.47
C LEU A 143 -17.93 -15.79 -12.00
N ARG A 144 -17.41 -17.01 -12.06
CA ARG A 144 -18.17 -18.15 -12.55
C ARG A 144 -19.22 -18.60 -11.52
N SER A 145 -18.89 -18.45 -10.24
CA SER A 145 -19.79 -18.85 -9.16
C SER A 145 -21.06 -17.98 -9.04
N LEU A 146 -21.03 -16.81 -9.67
CA LEU A 146 -22.16 -15.90 -9.65
C LEU A 146 -23.43 -16.49 -10.24
N ARG A 147 -24.56 -15.88 -9.90
CA ARG A 147 -25.87 -16.31 -10.38
C ARG A 147 -25.95 -16.35 -11.90
N LYS A 148 -26.40 -17.48 -12.41
CA LYS A 148 -26.56 -17.75 -13.85
C LYS A 148 -26.70 -16.52 -14.75
N PRO A 149 -27.63 -15.61 -14.40
CA PRO A 149 -27.79 -14.44 -15.26
C PRO A 149 -26.44 -13.76 -15.53
N PHE A 150 -25.88 -13.22 -14.45
CA PHE A 150 -24.61 -12.53 -14.48
C PHE A 150 -23.40 -13.36 -14.83
N SER A 151 -23.33 -14.59 -14.32
CA SER A 151 -22.19 -15.44 -14.61
C SER A 151 -22.01 -15.74 -16.09
N ASP A 152 -23.11 -15.86 -16.83
CA ASP A 152 -23.04 -16.16 -18.26
C ASP A 152 -22.75 -14.99 -19.20
N ILE A 153 -22.98 -13.77 -18.73
CA ILE A 153 -22.72 -12.60 -19.56
C ILE A 153 -21.28 -12.18 -19.41
N ILE A 154 -20.63 -12.69 -18.37
CA ILE A 154 -19.24 -12.37 -18.09
C ILE A 154 -18.29 -13.33 -18.78
N GLU A 155 -18.52 -14.63 -18.60
CA GLU A 155 -17.69 -15.69 -19.20
C GLU A 155 -17.23 -15.53 -20.64
N PRO A 156 -18.12 -15.15 -21.56
CA PRO A 156 -17.68 -15.00 -22.96
C PRO A 156 -16.59 -13.97 -23.23
N LYS A 157 -16.49 -12.92 -22.41
CA LYS A 157 -15.44 -11.93 -22.65
C LYS A 157 -14.11 -12.62 -22.44
N PHE A 158 -14.06 -13.56 -21.49
CA PHE A 158 -12.84 -14.29 -21.21
C PHE A 158 -12.45 -15.16 -22.41
N GLU A 159 -13.41 -15.93 -22.90
CA GLU A 159 -13.18 -16.80 -24.04
C GLU A 159 -12.58 -16.02 -25.20
N PHE A 160 -13.09 -14.80 -25.41
CA PHE A 160 -12.59 -13.96 -26.49
C PHE A 160 -11.24 -13.33 -26.17
N ALA A 161 -11.06 -12.93 -24.92
CA ALA A 161 -9.81 -12.31 -24.47
C ALA A 161 -8.59 -13.22 -24.63
N VAL A 162 -8.66 -14.42 -24.05
CA VAL A 162 -7.58 -15.41 -24.11
C VAL A 162 -7.13 -15.56 -25.57
N LYS A 163 -8.09 -15.84 -26.45
CA LYS A 163 -7.80 -16.00 -27.87
C LYS A 163 -7.20 -14.72 -28.45
N PHE A 164 -7.75 -13.57 -28.05
CA PHE A 164 -7.24 -12.31 -28.56
C PHE A 164 -5.79 -12.08 -28.10
N ASN A 165 -5.48 -12.39 -26.84
CA ASN A 165 -4.13 -12.19 -26.33
C ASN A 165 -3.05 -13.01 -27.02
N ALA A 166 -3.44 -14.09 -27.69
CA ALA A 166 -2.47 -14.94 -28.38
C ALA A 166 -1.90 -14.29 -29.64
N LEU A 167 -2.52 -13.22 -30.11
CA LEU A 167 -2.05 -12.53 -31.31
C LEU A 167 -0.92 -11.60 -30.90
N GLU A 168 -0.76 -11.46 -29.59
CA GLU A 168 0.26 -10.62 -28.98
C GLU A 168 0.40 -9.21 -29.51
N LEU A 169 -0.64 -8.39 -29.38
CA LEU A 169 -0.53 -7.02 -29.88
C LEU A 169 -0.04 -6.16 -28.70
N ASP A 170 0.54 -5.01 -29.02
CA ASP A 170 1.03 -4.11 -27.98
C ASP A 170 0.14 -2.87 -28.03
N ASP A 171 0.41 -1.91 -27.16
CA ASP A 171 -0.39 -0.71 -27.13
C ASP A 171 -0.43 0.02 -28.48
N SER A 172 0.68 0.01 -29.22
CA SER A 172 0.69 0.70 -30.51
C SER A 172 -0.29 0.04 -31.48
N ASP A 173 -0.39 -1.28 -31.45
CA ASP A 173 -1.32 -1.97 -32.34
C ASP A 173 -2.74 -1.63 -31.90
N LEU A 174 -3.02 -1.84 -30.61
CA LEU A 174 -4.32 -1.58 -30.02
C LEU A 174 -4.86 -0.19 -30.25
N ALA A 175 -3.97 0.80 -30.26
CA ALA A 175 -4.39 2.17 -30.48
C ALA A 175 -5.03 2.29 -31.85
N LEU A 176 -4.38 1.70 -32.85
CA LEU A 176 -4.90 1.75 -34.22
C LEU A 176 -6.17 0.90 -34.35
N PHE A 177 -6.09 -0.30 -33.77
CA PHE A 177 -7.19 -1.26 -33.76
C PHE A 177 -8.44 -0.65 -33.09
N ILE A 178 -8.24 0.06 -32.00
CA ILE A 178 -9.37 0.66 -31.31
C ILE A 178 -9.97 1.82 -32.09
N ALA A 179 -9.11 2.58 -32.76
CA ALA A 179 -9.58 3.72 -33.55
C ALA A 179 -10.45 3.21 -34.73
N ALA A 180 -10.01 2.10 -35.31
CA ALA A 180 -10.72 1.47 -36.44
C ALA A 180 -12.12 1.04 -36.03
N ILE A 181 -12.23 0.41 -34.86
CA ILE A 181 -13.50 -0.07 -34.32
C ILE A 181 -14.48 1.11 -34.12
N ILE A 182 -13.98 2.22 -33.60
CA ILE A 182 -14.82 3.40 -33.35
C ILE A 182 -15.26 4.07 -34.67
N LEU A 183 -14.31 4.28 -35.57
CA LEU A 183 -14.61 4.90 -36.86
C LEU A 183 -15.05 3.82 -37.85
N CYS A 184 -16.33 3.48 -37.79
CA CYS A 184 -16.90 2.45 -38.66
C CYS A 184 -18.15 2.93 -39.39
N GLY A 185 -18.13 2.85 -40.72
CA GLY A 185 -19.25 3.29 -41.53
C GLY A 185 -20.55 2.51 -41.42
N ASP A 186 -20.51 1.33 -40.77
CA ASP A 186 -21.68 0.46 -40.58
C ASP A 186 -22.76 0.88 -39.58
N ARG A 187 -22.36 1.55 -38.52
CA ARG A 187 -23.27 2.00 -37.45
C ARG A 187 -24.61 2.67 -37.83
N PRO A 188 -25.71 2.15 -37.29
CA PRO A 188 -27.10 2.62 -37.50
C PRO A 188 -27.32 4.12 -37.38
N GLY A 189 -27.88 4.72 -38.42
CA GLY A 189 -28.17 6.14 -38.38
C GLY A 189 -26.99 7.08 -38.55
N LEU A 190 -25.85 6.59 -39.00
CA LEU A 190 -24.70 7.47 -39.23
C LEU A 190 -25.18 8.48 -40.25
N MET A 191 -24.68 9.71 -40.16
CA MET A 191 -25.08 10.75 -41.09
C MET A 191 -24.11 10.85 -42.27
N ASN A 192 -22.84 11.05 -41.95
CA ASN A 192 -21.82 11.18 -42.99
C ASN A 192 -21.06 9.87 -43.22
N VAL A 193 -21.74 8.85 -43.75
CA VAL A 193 -21.07 7.59 -43.98
C VAL A 193 -19.81 7.65 -44.84
N PRO A 194 -19.86 8.32 -46.00
CA PRO A 194 -18.63 8.39 -46.81
C PRO A 194 -17.44 8.89 -46.02
N ARG A 195 -17.59 10.06 -45.42
CA ARG A 195 -16.54 10.69 -44.62
C ARG A 195 -15.98 9.71 -43.58
N VAL A 196 -16.88 8.98 -42.92
CA VAL A 196 -16.51 8.01 -41.90
C VAL A 196 -15.74 6.83 -42.50
N GLU A 197 -16.29 6.23 -43.57
CA GLU A 197 -15.62 5.10 -44.20
C GLU A 197 -14.23 5.53 -44.67
N ALA A 198 -14.09 6.80 -45.03
CA ALA A 198 -12.80 7.30 -45.49
C ALA A 198 -11.82 7.34 -44.31
N ILE A 199 -12.26 7.85 -43.17
CA ILE A 199 -11.37 7.90 -42.03
C ILE A 199 -10.93 6.50 -41.60
N GLN A 200 -11.87 5.55 -41.61
CA GLN A 200 -11.54 4.18 -41.23
C GLN A 200 -10.48 3.61 -42.16
N ASP A 201 -10.73 3.71 -43.46
CA ASP A 201 -9.80 3.20 -44.44
C ASP A 201 -8.37 3.70 -44.15
N THR A 202 -8.25 5.00 -43.89
CA THR A 202 -6.94 5.59 -43.61
C THR A 202 -6.39 4.87 -42.38
N ILE A 203 -7.27 4.67 -41.39
CA ILE A 203 -6.86 3.99 -40.15
C ILE A 203 -6.39 2.58 -40.46
N LEU A 204 -7.20 1.82 -41.18
CA LEU A 204 -6.84 0.45 -41.54
C LEU A 204 -5.53 0.39 -42.35
N ARG A 205 -5.38 1.29 -43.31
CA ARG A 205 -4.17 1.33 -44.14
C ARG A 205 -2.92 1.66 -43.30
N ALA A 206 -3.10 2.39 -42.21
CA ALA A 206 -1.97 2.72 -41.37
C ALA A 206 -1.67 1.52 -40.47
N LEU A 207 -2.71 0.78 -40.11
CA LEU A 207 -2.55 -0.40 -39.25
C LEU A 207 -1.80 -1.46 -40.06
N GLU A 208 -2.17 -1.52 -41.33
CA GLU A 208 -1.59 -2.45 -42.30
C GLU A 208 -0.07 -2.32 -42.34
N PHE A 209 0.41 -1.09 -42.47
CA PHE A 209 1.85 -0.83 -42.53
C PHE A 209 2.50 -0.93 -41.16
N HIS A 210 1.75 -0.58 -40.12
CA HIS A 210 2.29 -0.64 -38.78
C HIS A 210 2.62 -2.08 -38.41
N LEU A 211 1.66 -2.98 -38.62
CA LEU A 211 1.89 -4.39 -38.29
C LEU A 211 3.07 -4.98 -39.03
N GLN A 212 3.24 -4.61 -40.30
CA GLN A 212 4.35 -5.12 -41.08
C GLN A 212 5.67 -4.70 -40.45
N ALA A 213 5.71 -3.49 -39.89
CA ALA A 213 6.91 -2.96 -39.25
C ALA A 213 7.09 -3.55 -37.84
N ASN A 214 6.04 -3.46 -37.02
CA ASN A 214 6.01 -3.94 -35.64
C ASN A 214 6.03 -5.47 -35.47
N HIS A 215 5.34 -6.20 -36.35
CA HIS A 215 5.29 -7.67 -36.28
C HIS A 215 5.70 -8.24 -37.65
N PRO A 216 6.97 -8.04 -38.02
CA PRO A 216 7.55 -8.50 -39.28
C PRO A 216 7.33 -9.95 -39.71
N ASP A 217 7.36 -10.88 -38.76
CA ASP A 217 7.18 -12.29 -39.09
C ASP A 217 5.80 -12.93 -38.85
N ALA A 218 4.85 -12.15 -38.35
CA ALA A 218 3.51 -12.69 -38.11
C ALA A 218 2.71 -12.64 -39.40
N GLN A 219 2.43 -13.80 -39.99
CA GLN A 219 1.68 -13.85 -41.23
C GLN A 219 0.17 -13.91 -40.98
N GLN A 220 -0.57 -13.25 -41.87
CA GLN A 220 -2.03 -13.21 -41.77
C GLN A 220 -2.54 -12.41 -40.56
N LEU A 221 -1.64 -11.75 -39.84
CA LEU A 221 -2.07 -11.00 -38.67
C LEU A 221 -3.14 -9.96 -39.00
N PHE A 222 -2.92 -9.20 -40.07
CA PHE A 222 -3.90 -8.18 -40.45
C PHE A 222 -5.29 -8.74 -40.74
N PRO A 223 -5.42 -9.60 -41.74
CA PRO A 223 -6.80 -10.09 -41.96
C PRO A 223 -7.35 -10.81 -40.75
N LYS A 224 -6.48 -11.20 -39.82
CA LYS A 224 -6.92 -11.89 -38.62
C LYS A 224 -7.61 -10.90 -37.69
N LEU A 225 -7.09 -9.68 -37.65
CA LEU A 225 -7.66 -8.64 -36.80
C LEU A 225 -8.96 -8.12 -37.38
N LEU A 226 -9.10 -8.12 -38.71
CA LEU A 226 -10.34 -7.64 -39.33
C LEU A 226 -11.41 -8.64 -38.91
N GLN A 227 -11.03 -9.92 -38.86
CA GLN A 227 -11.96 -10.94 -38.46
C GLN A 227 -12.29 -10.73 -36.98
N LYS A 228 -11.27 -10.34 -36.19
CA LYS A 228 -11.49 -10.11 -34.76
C LYS A 228 -12.51 -8.97 -34.57
N MET A 229 -12.49 -8.00 -35.47
CA MET A 229 -13.40 -6.87 -35.41
C MET A 229 -14.80 -7.32 -35.70
N ALA A 230 -14.93 -8.30 -36.60
CA ALA A 230 -16.24 -8.82 -36.95
C ALA A 230 -16.70 -9.63 -35.75
N ASP A 231 -15.74 -10.35 -35.14
CA ASP A 231 -16.00 -11.18 -33.97
C ASP A 231 -16.50 -10.31 -32.83
N LEU A 232 -15.86 -9.18 -32.63
CA LEU A 232 -16.26 -8.27 -31.57
C LEU A 232 -17.70 -7.79 -31.85
N ARG A 233 -18.07 -7.65 -33.11
CA ARG A 233 -19.42 -7.20 -33.43
C ARG A 233 -20.45 -8.23 -32.98
N GLN A 234 -20.11 -9.51 -33.11
CA GLN A 234 -21.01 -10.60 -32.72
C GLN A 234 -20.98 -10.77 -31.19
N LEU A 235 -19.83 -10.51 -30.58
CA LEU A 235 -19.71 -10.63 -29.13
C LEU A 235 -20.60 -9.58 -28.45
N VAL A 236 -20.62 -8.35 -28.99
CA VAL A 236 -21.44 -7.28 -28.43
C VAL A 236 -22.92 -7.60 -28.64
N THR A 237 -23.29 -8.07 -29.84
CA THR A 237 -24.67 -8.42 -30.13
C THR A 237 -25.22 -9.38 -29.07
N GLU A 238 -24.47 -10.42 -28.76
CA GLU A 238 -24.88 -11.42 -27.76
C GLU A 238 -24.87 -10.79 -26.37
N HIS A 239 -23.96 -9.85 -26.16
CA HIS A 239 -23.86 -9.19 -24.87
C HIS A 239 -25.13 -8.38 -24.69
N ALA A 240 -25.52 -7.67 -25.74
CA ALA A 240 -26.73 -6.84 -25.74
C ALA A 240 -27.99 -7.68 -25.50
N GLN A 241 -28.10 -8.84 -26.13
CA GLN A 241 -29.29 -9.67 -25.93
C GLN A 241 -29.32 -10.06 -24.44
N MET A 242 -28.16 -10.45 -23.90
CA MET A 242 -28.09 -10.83 -22.50
C MET A 242 -28.43 -9.64 -21.62
N MET A 243 -28.05 -8.44 -22.05
CA MET A 243 -28.34 -7.24 -21.29
C MET A 243 -29.86 -7.04 -21.29
N GLN A 244 -30.50 -7.38 -22.40
CA GLN A 244 -31.95 -7.24 -22.53
C GLN A 244 -32.67 -8.23 -21.60
N ARG A 245 -32.11 -9.44 -21.46
CA ARG A 245 -32.71 -10.45 -20.61
C ARG A 245 -32.60 -10.05 -19.14
N ILE A 246 -31.56 -9.29 -18.80
CA ILE A 246 -31.34 -8.84 -17.43
C ILE A 246 -32.32 -7.70 -17.08
N LYS A 247 -32.56 -6.82 -18.04
CA LYS A 247 -33.47 -5.70 -17.81
C LYS A 247 -34.91 -6.24 -17.73
N LYS A 248 -35.12 -7.43 -18.28
CA LYS A 248 -36.44 -8.04 -18.27
C LYS A 248 -36.70 -8.96 -17.07
N THR A 249 -35.71 -9.76 -16.69
CA THR A 249 -35.87 -10.69 -15.57
C THR A 249 -35.36 -10.18 -14.23
N GLU A 250 -34.36 -9.31 -14.25
CA GLU A 250 -33.81 -8.77 -13.01
C GLU A 250 -34.43 -7.45 -12.62
N THR A 251 -35.73 -7.49 -12.32
CA THR A 251 -36.49 -6.30 -11.93
C THR A 251 -35.79 -5.45 -10.87
N GLU A 252 -35.22 -6.04 -9.79
CA GLU A 252 -34.67 -5.15 -8.73
C GLU A 252 -33.37 -4.51 -9.15
N THR A 253 -32.63 -5.03 -10.16
CA THR A 253 -31.32 -4.43 -10.33
C THR A 253 -31.38 -3.28 -11.34
N SER A 254 -30.72 -2.17 -11.01
CA SER A 254 -30.72 -1.02 -11.91
C SER A 254 -29.67 -1.02 -13.01
N LEU A 255 -29.72 0.00 -13.87
CA LEU A 255 -28.79 0.16 -14.97
C LEU A 255 -28.45 1.65 -15.11
N HIS A 256 -27.16 1.98 -15.13
CA HIS A 256 -26.72 3.38 -15.27
C HIS A 256 -27.43 4.01 -16.47
N PRO A 257 -28.03 5.20 -16.30
CA PRO A 257 -28.75 5.90 -17.37
C PRO A 257 -28.00 5.97 -18.72
N LEU A 258 -26.68 6.15 -18.66
CA LEU A 258 -25.88 6.23 -19.89
C LEU A 258 -25.90 4.90 -20.64
N LEU A 259 -25.97 3.81 -19.88
CA LEU A 259 -25.99 2.48 -20.50
C LEU A 259 -27.41 2.16 -20.97
N GLN A 260 -28.42 2.88 -20.47
CA GLN A 260 -29.76 2.58 -20.94
C GLN A 260 -29.93 3.26 -22.32
N GLU A 261 -29.25 4.40 -22.50
CA GLU A 261 -29.28 5.17 -23.74
C GLU A 261 -28.56 4.42 -24.88
N ILE A 262 -27.56 3.60 -24.55
CA ILE A 262 -26.82 2.85 -25.57
C ILE A 262 -27.64 1.64 -26.01
N TYR A 263 -28.13 0.90 -25.02
CA TYR A 263 -28.94 -0.29 -25.28
C TYR A 263 -30.38 0.13 -25.58
N LYS A 264 -30.56 1.42 -25.82
CA LYS A 264 -31.86 1.99 -26.12
C LYS A 264 -32.44 1.32 -27.38
N ASP A 265 -31.62 1.20 -28.42
CA ASP A 265 -32.03 0.58 -29.68
C ASP A 265 -31.18 -0.60 -30.12
N MET A 266 -30.15 -0.93 -29.37
CA MET A 266 -29.28 -2.05 -29.71
C MET A 266 -29.97 -3.42 -29.69
N LEU B 1 5.19 -5.63 -0.13
CA LEU B 1 5.69 -4.61 0.85
C LEU B 1 4.60 -4.30 1.86
N LYS B 2 3.35 -4.43 1.42
CA LYS B 2 2.18 -4.18 2.27
C LYS B 2 2.17 -5.25 3.36
N ALA B 3 2.57 -6.47 2.96
CA ALA B 3 2.61 -7.58 3.88
C ALA B 3 3.75 -7.37 4.87
N PHE B 4 4.94 -7.08 4.34
CA PHE B 4 6.12 -6.86 5.16
C PHE B 4 5.78 -5.98 6.37
N SER B 5 5.10 -4.84 6.18
CA SER B 5 4.71 -3.90 7.23
C SER B 5 3.84 -4.55 8.28
N LYS B 6 2.83 -5.14 7.73
CA LYS B 6 1.80 -5.83 8.50
C LYS B 6 2.44 -6.96 9.31
N HIS B 7 3.48 -7.56 8.75
CA HIS B 7 4.17 -8.65 9.43
C HIS B 7 5.07 -8.15 10.54
N ILE B 8 5.57 -6.93 10.40
CA ILE B 8 6.44 -6.37 11.42
C ILE B 8 5.59 -5.74 12.52
N TYR B 9 4.36 -5.40 12.17
CA TYR B 9 3.43 -4.80 13.12
C TYR B 9 2.94 -5.83 14.13
N ASN B 10 2.71 -7.05 13.65
CA ASN B 10 2.25 -8.11 14.53
C ASN B 10 3.39 -8.57 15.44
N ALA B 11 4.59 -8.65 14.88
CA ALA B 11 5.76 -9.06 15.65
C ALA B 11 5.95 -8.05 16.79
N TYR B 12 5.54 -6.82 16.54
CA TYR B 12 5.65 -5.75 17.52
C TYR B 12 4.51 -5.86 18.55
N LEU B 13 3.33 -6.30 18.10
CA LEU B 13 2.18 -6.45 18.96
C LEU B 13 2.25 -7.64 19.92
N LYS B 14 3.02 -8.66 19.55
CA LYS B 14 3.10 -9.82 20.44
C LYS B 14 4.37 -9.86 21.27
N ASN B 15 5.36 -9.07 20.88
CA ASN B 15 6.60 -9.05 21.63
C ASN B 15 6.62 -7.96 22.68
N PHE B 16 5.81 -6.93 22.47
CA PHE B 16 5.74 -5.84 23.42
C PHE B 16 4.40 -5.86 24.15
N ASN B 17 4.46 -6.04 25.46
CA ASN B 17 3.27 -6.09 26.32
C ASN B 17 2.58 -4.73 26.31
N MET B 18 3.36 -3.70 26.57
CA MET B 18 2.84 -2.34 26.61
C MET B 18 3.05 -1.61 25.27
N THR B 19 1.94 -1.24 24.64
CA THR B 19 1.98 -0.54 23.36
C THR B 19 1.56 0.90 23.61
N LYS B 20 1.85 1.79 22.68
CA LYS B 20 1.50 3.20 22.82
C LYS B 20 -0.02 3.29 22.92
N LYS B 21 -0.69 2.61 22.00
CA LYS B 21 -2.14 2.61 21.99
C LYS B 21 -2.55 1.54 22.98
N LYS B 22 -2.42 1.91 24.24
CA LYS B 22 -2.74 1.07 25.39
C LYS B 22 -2.23 1.91 26.54
N ALA B 23 -1.06 2.51 26.32
CA ALA B 23 -0.44 3.36 27.32
C ALA B 23 -1.24 4.65 27.22
N ARG B 24 -1.91 4.82 26.09
CA ARG B 24 -2.73 6.00 25.83
C ARG B 24 -4.08 5.88 26.53
N SER B 25 -4.54 4.65 26.74
CA SER B 25 -5.81 4.41 27.40
C SER B 25 -5.66 4.71 28.88
N ILE B 26 -4.79 3.95 29.55
CA ILE B 26 -4.56 4.14 30.97
C ILE B 26 -3.91 5.48 31.30
N LEU B 27 -3.98 6.41 30.36
CA LEU B 27 -3.39 7.73 30.56
C LEU B 27 -4.35 8.80 30.05
N THR B 28 -5.34 8.36 29.27
CA THR B 28 -6.33 9.26 28.71
C THR B 28 -5.68 10.53 28.18
N PRO B 36 -3.86 3.94 37.66
CA PRO B 36 -2.40 4.12 37.86
C PRO B 36 -2.13 4.86 39.16
N PHE B 37 -1.28 4.28 40.00
CA PHE B 37 -0.94 4.88 41.29
C PHE B 37 0.14 5.95 41.07
N VAL B 38 -0.12 7.16 41.54
CA VAL B 38 0.82 8.27 41.38
C VAL B 38 1.99 8.23 42.36
N ILE B 39 3.19 8.09 41.80
CA ILE B 39 4.42 8.03 42.58
C ILE B 39 5.10 9.38 42.39
N HIS B 40 5.14 10.21 43.43
CA HIS B 40 5.78 11.54 43.34
C HIS B 40 6.76 11.85 44.47
N ASP B 41 6.88 10.94 45.43
CA ASP B 41 7.80 11.12 46.56
C ASP B 41 8.29 9.78 47.09
N ILE B 42 8.96 9.81 48.24
CA ILE B 42 9.49 8.60 48.86
C ILE B 42 8.38 7.70 49.42
N GLU B 43 7.35 8.29 50.02
CA GLU B 43 6.30 7.46 50.58
C GLU B 43 5.46 6.80 49.52
N THR B 44 5.11 7.55 48.48
CA THR B 44 4.31 6.95 47.42
C THR B 44 5.13 5.85 46.75
N LEU B 45 6.41 6.09 46.52
CA LEU B 45 7.23 5.07 45.90
C LEU B 45 7.24 3.84 46.80
N TRP B 46 7.40 4.06 48.10
CA TRP B 46 7.43 2.96 49.05
C TRP B 46 6.17 2.09 48.92
N GLN B 47 5.01 2.74 48.92
CA GLN B 47 3.75 2.03 48.82
C GLN B 47 3.54 1.35 47.46
N ALA B 48 4.20 1.87 46.43
CA ALA B 48 4.04 1.26 45.12
C ALA B 48 4.89 0.00 45.18
N GLU B 49 6.09 0.13 45.74
CA GLU B 49 7.01 -0.99 45.87
C GLU B 49 6.40 -2.08 46.74
N LYS B 50 5.30 -1.76 47.39
CA LYS B 50 4.61 -2.72 48.25
C LYS B 50 3.28 -3.08 47.61
N GLY B 51 2.58 -2.06 47.11
CA GLY B 51 1.30 -2.27 46.48
C GLY B 51 1.45 -2.66 45.02
N LEU B 52 1.89 -1.70 44.21
CA LEU B 52 2.09 -1.93 42.78
C LEU B 52 3.22 -2.93 42.49
N VAL B 53 3.15 -4.10 43.11
CA VAL B 53 4.17 -5.15 42.93
C VAL B 53 4.65 -5.20 41.48
N TRP B 54 5.69 -4.43 41.20
CA TRP B 54 6.31 -4.33 39.88
C TRP B 54 6.63 -5.69 39.27
N LEU B 61 16.59 -6.54 42.67
CA LEU B 61 17.25 -5.22 42.95
C LEU B 61 18.11 -5.25 44.21
N PRO B 62 19.25 -4.53 44.17
CA PRO B 62 20.17 -4.46 45.31
C PRO B 62 19.52 -3.77 46.50
N PRO B 63 19.91 -4.14 47.73
CA PRO B 63 19.37 -3.57 48.97
C PRO B 63 19.20 -2.06 48.91
N TYR B 64 18.04 -1.60 49.34
CA TYR B 64 17.73 -0.18 49.33
C TYR B 64 18.85 0.72 49.84
N LYS B 65 19.35 1.50 48.90
CA LYS B 65 20.43 2.46 49.07
C LYS B 65 19.87 3.82 49.47
N GLU B 66 19.34 4.52 48.48
CA GLU B 66 18.75 5.85 48.64
C GLU B 66 17.69 5.99 47.54
N ILE B 67 16.82 7.00 47.61
CA ILE B 67 15.79 7.16 46.59
C ILE B 67 16.33 7.36 45.17
N SER B 68 17.32 8.25 45.01
CA SER B 68 17.90 8.52 43.71
C SER B 68 18.50 7.31 43.02
N VAL B 69 19.25 6.51 43.79
CA VAL B 69 19.88 5.32 43.27
C VAL B 69 18.85 4.25 43.00
N HIS B 70 17.92 4.08 43.94
CA HIS B 70 16.88 3.09 43.81
C HIS B 70 16.10 3.31 42.52
N VAL B 71 15.82 4.57 42.19
CA VAL B 71 15.06 4.86 40.97
C VAL B 71 15.97 4.53 39.78
N PHE B 72 17.26 4.77 39.95
CA PHE B 72 18.22 4.51 38.89
C PHE B 72 18.17 3.00 38.61
N TYR B 73 18.12 2.18 39.65
CA TYR B 73 18.07 0.73 39.49
C TYR B 73 16.77 0.30 38.81
N ARG B 74 15.69 1.05 39.04
CA ARG B 74 14.41 0.73 38.41
C ARG B 74 14.51 0.95 36.90
N CYS B 75 15.27 1.96 36.49
CA CYS B 75 15.45 2.26 35.07
C CYS B 75 16.19 1.10 34.42
N GLN B 76 17.28 0.67 35.07
CA GLN B 76 18.06 -0.43 34.53
C GLN B 76 17.18 -1.68 34.37
N CYS B 77 16.40 -1.97 35.40
CA CYS B 77 15.51 -3.12 35.39
C CYS B 77 14.56 -3.09 34.19
N THR B 78 13.89 -1.95 33.99
CA THR B 78 12.96 -1.76 32.89
C THR B 78 13.72 -1.81 31.56
N THR B 79 14.88 -1.17 31.56
CA THR B 79 15.74 -1.13 30.38
C THR B 79 16.23 -2.52 30.00
N VAL B 80 16.63 -3.31 30.99
CA VAL B 80 17.12 -4.65 30.71
C VAL B 80 16.01 -5.56 30.18
N GLU B 81 14.78 -5.35 30.66
CA GLU B 81 13.65 -6.16 30.22
C GLU B 81 13.17 -5.73 28.84
N THR B 82 13.41 -4.47 28.48
CA THR B 82 12.99 -4.00 27.18
C THR B 82 13.96 -4.59 26.18
N VAL B 83 15.22 -4.76 26.58
CA VAL B 83 16.20 -5.33 25.68
C VAL B 83 15.77 -6.76 25.38
N ARG B 84 15.22 -7.43 26.37
CA ARG B 84 14.77 -8.80 26.18
C ARG B 84 13.68 -8.84 25.09
N GLU B 85 12.73 -7.92 25.20
CA GLU B 85 11.64 -7.84 24.24
C GLU B 85 12.19 -7.52 22.85
N LEU B 86 12.93 -6.43 22.75
CA LEU B 86 13.50 -6.04 21.46
C LEU B 86 14.24 -7.21 20.80
N THR B 87 15.00 -7.99 21.58
CA THR B 87 15.73 -9.13 21.01
C THR B 87 14.75 -10.05 20.29
N GLU B 88 13.63 -10.35 20.94
CA GLU B 88 12.61 -11.22 20.36
C GLU B 88 11.92 -10.58 19.17
N PHE B 89 11.77 -9.27 19.23
CA PHE B 89 11.12 -8.53 18.15
C PHE B 89 12.01 -8.59 16.91
N ALA B 90 13.27 -8.21 17.09
CA ALA B 90 14.26 -8.20 16.01
C ALA B 90 14.30 -9.56 15.35
N LYS B 91 14.23 -10.62 16.17
CA LYS B 91 14.26 -11.97 15.66
C LYS B 91 13.05 -12.30 14.81
N SER B 92 12.02 -11.47 14.91
CA SER B 92 10.80 -11.67 14.13
C SER B 92 10.94 -10.92 12.82
N ILE B 93 11.80 -9.90 12.80
CA ILE B 93 12.02 -9.13 11.58
C ILE B 93 12.52 -10.08 10.50
N PRO B 94 11.85 -10.08 9.33
CA PRO B 94 12.16 -10.91 8.17
C PRO B 94 13.57 -11.49 8.06
N SER B 95 14.48 -10.71 7.49
CA SER B 95 15.85 -11.16 7.32
C SER B 95 16.79 -11.04 8.50
N PHE B 96 16.33 -10.46 9.60
CA PHE B 96 17.19 -10.31 10.78
C PHE B 96 17.82 -11.61 11.24
N SER B 97 17.00 -12.64 11.45
CA SER B 97 17.49 -13.95 11.90
C SER B 97 18.47 -14.65 10.96
N SER B 98 18.48 -14.27 9.69
CA SER B 98 19.39 -14.87 8.72
C SER B 98 20.81 -14.35 8.95
N LEU B 99 20.92 -13.16 9.55
CA LEU B 99 22.21 -12.55 9.84
C LEU B 99 22.90 -13.43 10.86
N PHE B 100 24.23 -13.53 10.79
CA PHE B 100 24.94 -14.36 11.76
C PHE B 100 24.77 -13.75 13.13
N LEU B 101 24.62 -14.62 14.11
CA LEU B 101 24.44 -14.22 15.49
C LEU B 101 25.29 -13.02 15.88
N ASN B 102 26.58 -13.08 15.61
CA ASN B 102 27.46 -11.98 15.96
C ASN B 102 27.01 -10.60 15.42
N ASP B 103 26.45 -10.56 14.22
CA ASP B 103 25.98 -9.29 13.69
C ASP B 103 24.69 -8.92 14.41
N GLN B 104 23.90 -9.94 14.75
CA GLN B 104 22.64 -9.68 15.44
C GLN B 104 22.96 -8.99 16.76
N VAL B 105 24.01 -9.46 17.42
CA VAL B 105 24.45 -8.89 18.69
C VAL B 105 24.91 -7.45 18.48
N THR B 106 25.66 -7.21 17.42
CA THR B 106 26.14 -5.87 17.15
C THR B 106 24.96 -4.92 16.96
N LEU B 107 24.00 -5.31 16.13
CA LEU B 107 22.84 -4.48 15.88
C LEU B 107 22.08 -4.20 17.18
N LEU B 108 21.93 -5.19 18.03
CA LEU B 108 21.21 -4.98 19.29
C LEU B 108 22.01 -4.09 20.23
N LYS B 109 23.29 -4.39 20.37
CA LYS B 109 24.16 -3.62 21.25
C LYS B 109 24.06 -2.10 21.03
N TYR B 110 24.28 -1.68 19.79
CA TYR B 110 24.23 -0.27 19.43
C TYR B 110 22.87 0.29 19.08
N GLY B 111 21.85 -0.53 19.06
CA GLY B 111 20.54 -0.02 18.70
C GLY B 111 19.49 -0.04 19.79
N VAL B 112 19.59 -0.99 20.72
CA VAL B 112 18.56 -1.08 21.75
C VAL B 112 18.23 0.21 22.49
N HIS B 113 19.21 0.99 22.92
CA HIS B 113 18.84 2.22 23.63
C HIS B 113 18.13 3.19 22.72
N GLU B 114 18.53 3.25 21.44
CA GLU B 114 17.89 4.14 20.50
C GLU B 114 16.41 3.72 20.44
N ALA B 115 16.18 2.43 20.28
CA ALA B 115 14.81 1.91 20.21
C ALA B 115 14.11 2.32 21.51
N ILE B 116 14.64 1.88 22.65
CA ILE B 116 14.09 2.17 23.97
C ILE B 116 13.69 3.65 24.19
N PHE B 117 14.59 4.57 23.89
CA PHE B 117 14.23 5.97 24.09
C PHE B 117 13.15 6.44 23.14
N ALA B 118 12.92 5.68 22.08
CA ALA B 118 11.90 6.04 21.12
C ALA B 118 10.57 5.59 21.69
N MET B 119 10.50 4.31 22.07
CA MET B 119 9.28 3.73 22.63
C MET B 119 8.88 4.37 23.97
N LEU B 120 9.87 4.90 24.67
CA LEU B 120 9.64 5.54 25.94
C LEU B 120 8.59 6.63 25.74
N ALA B 121 8.66 7.27 24.58
CA ALA B 121 7.74 8.36 24.22
C ALA B 121 6.28 7.94 24.32
N SER B 122 6.00 6.69 23.99
CA SER B 122 4.64 6.17 24.04
C SER B 122 3.99 6.22 25.42
N ILE B 123 4.81 6.00 26.44
CA ILE B 123 4.33 6.01 27.83
C ILE B 123 4.72 7.30 28.56
N VAL B 124 5.21 8.29 27.83
CA VAL B 124 5.61 9.55 28.45
C VAL B 124 4.59 10.67 28.36
N ASN B 125 4.64 11.55 29.36
CA ASN B 125 3.76 12.71 29.49
C ASN B 125 4.66 13.94 29.62
N LYS B 126 4.15 15.12 29.28
CA LYS B 126 4.71 16.33 29.90
C LYS B 126 4.88 16.23 31.43
N ASP B 127 4.07 15.38 32.10
CA ASP B 127 4.21 15.43 33.55
C ASP B 127 4.82 14.18 34.18
N GLY B 128 5.07 13.15 33.38
CA GLY B 128 5.65 11.91 33.89
C GLY B 128 5.40 10.71 32.98
N LEU B 129 5.58 9.50 33.50
CA LEU B 129 5.37 8.32 32.69
C LEU B 129 4.81 7.13 33.48
N LEU B 130 4.31 6.14 32.74
CA LEU B 130 3.74 4.93 33.33
C LEU B 130 4.85 3.93 33.64
N VAL B 131 4.63 3.11 34.65
CA VAL B 131 5.60 2.09 35.05
C VAL B 131 4.82 0.85 35.46
N ALA B 132 5.50 -0.29 35.50
CA ALA B 132 4.87 -1.55 35.89
C ALA B 132 3.53 -1.74 35.16
N ASN B 133 3.60 -1.89 33.84
CA ASN B 133 2.41 -2.09 33.01
C ASN B 133 1.32 -1.04 33.24
N GLY B 134 1.72 0.21 33.27
CA GLY B 134 0.77 1.29 33.47
C GLY B 134 0.06 1.31 34.80
N SER B 135 0.37 0.36 35.69
CA SER B 135 -0.29 0.37 37.01
C SER B 135 0.23 1.55 37.83
N GLY B 136 1.37 2.09 37.42
CA GLY B 136 1.94 3.21 38.13
C GLY B 136 2.27 4.37 37.20
N PHE B 137 2.43 5.54 37.79
CA PHE B 137 2.78 6.73 37.03
C PHE B 137 3.71 7.54 37.93
N VAL B 138 4.95 7.72 37.47
CA VAL B 138 5.95 8.48 38.21
C VAL B 138 6.00 9.89 37.64
N THR B 139 5.79 10.89 38.47
CA THR B 139 5.83 12.25 37.98
C THR B 139 7.23 12.69 37.52
N ARG B 140 7.25 13.60 36.57
CA ARG B 140 8.49 14.14 36.01
C ARG B 140 9.15 15.03 37.05
N GLU B 141 8.32 15.71 37.84
CA GLU B 141 8.82 16.59 38.88
C GLU B 141 9.60 15.79 39.92
N PHE B 142 9.03 14.66 40.33
CA PHE B 142 9.69 13.82 41.31
C PHE B 142 11.03 13.36 40.75
N LEU B 143 11.07 12.98 39.47
CA LEU B 143 12.32 12.54 38.88
C LEU B 143 13.28 13.70 38.79
N ARG B 144 12.73 14.91 38.71
CA ARG B 144 13.56 16.09 38.62
C ARG B 144 14.09 16.44 40.01
N SER B 145 13.41 15.91 41.04
CA SER B 145 13.82 16.17 42.42
C SER B 145 14.96 15.24 42.85
N LEU B 146 15.22 14.20 42.06
CA LEU B 146 16.29 13.26 42.39
C LEU B 146 17.66 13.91 42.51
N ARG B 147 18.52 13.31 43.32
CA ARG B 147 19.87 13.82 43.54
C ARG B 147 20.65 14.13 42.26
N LYS B 148 21.31 15.27 42.31
CA LYS B 148 22.15 15.87 41.28
C LYS B 148 22.44 15.16 39.95
N PRO B 149 23.08 13.98 39.97
CA PRO B 149 23.39 13.26 38.72
C PRO B 149 22.30 12.47 37.97
N PHE B 150 21.50 11.72 38.72
CA PHE B 150 20.43 10.91 38.14
C PHE B 150 19.27 11.69 37.54
N SER B 151 19.02 12.88 38.07
CA SER B 151 17.93 13.72 37.57
C SER B 151 18.27 14.26 36.19
N ASP B 152 19.53 14.59 35.97
CA ASP B 152 19.97 15.14 34.69
C ASP B 152 20.00 14.18 33.50
N ILE B 153 20.11 12.88 33.74
CA ILE B 153 20.12 11.97 32.61
C ILE B 153 18.70 11.60 32.25
N ILE B 154 17.79 11.77 33.21
CA ILE B 154 16.40 11.44 32.95
C ILE B 154 15.69 12.49 32.12
N GLU B 155 15.68 13.73 32.62
CA GLU B 155 15.03 14.86 31.95
C GLU B 155 15.12 14.93 30.43
N PRO B 156 16.32 14.76 29.84
CA PRO B 156 16.43 14.83 28.37
C PRO B 156 15.55 13.82 27.61
N LYS B 157 15.24 12.69 28.23
CA LYS B 157 14.40 11.73 27.53
C LYS B 157 12.98 12.29 27.42
N PHE B 158 12.60 13.12 28.39
CA PHE B 158 11.28 13.73 28.40
C PHE B 158 11.20 14.77 27.30
N GLU B 159 12.23 15.61 27.23
CA GLU B 159 12.33 16.67 26.23
C GLU B 159 12.22 16.09 24.84
N PHE B 160 12.90 14.96 24.64
CA PHE B 160 12.85 14.32 23.34
C PHE B 160 11.51 13.65 23.12
N ALA B 161 10.99 13.01 24.15
CA ALA B 161 9.71 12.32 24.06
C ALA B 161 8.56 13.27 23.75
N VAL B 162 8.52 14.42 24.44
CA VAL B 162 7.45 15.38 24.19
C VAL B 162 7.35 15.77 22.70
N LYS B 163 8.46 16.22 22.12
CA LYS B 163 8.48 16.62 20.72
C LYS B 163 8.11 15.43 19.82
N PHE B 164 8.60 14.25 20.17
CA PHE B 164 8.32 13.06 19.38
C PHE B 164 6.82 12.75 19.32
N ASN B 165 6.14 12.85 20.46
CA ASN B 165 4.70 12.58 20.49
C ASN B 165 3.92 13.56 19.61
N ALA B 166 4.57 14.67 19.26
CA ALA B 166 3.96 15.69 18.42
C ALA B 166 3.72 15.17 17.00
N LEU B 167 4.44 14.11 16.63
CA LEU B 167 4.31 13.52 15.29
C LEU B 167 3.10 12.60 15.26
N GLU B 168 2.53 12.37 16.43
CA GLU B 168 1.36 11.53 16.56
C GLU B 168 1.42 10.29 15.69
N LEU B 169 2.28 9.37 16.06
CA LEU B 169 2.43 8.12 15.33
C LEU B 169 1.68 7.06 16.15
N ASP B 170 1.36 5.92 15.53
CA ASP B 170 0.66 4.87 16.24
C ASP B 170 1.58 3.66 16.31
N ASP B 171 1.06 2.57 16.85
CA ASP B 171 1.87 1.35 16.95
C ASP B 171 2.29 0.74 15.61
N SER B 172 1.48 0.93 14.56
CA SER B 172 1.82 0.37 13.25
C SER B 172 3.04 1.09 12.69
N ASP B 173 3.08 2.42 12.85
CA ASP B 173 4.20 3.18 12.35
C ASP B 173 5.44 2.80 13.15
N LEU B 174 5.34 2.95 14.48
CA LEU B 174 6.42 2.64 15.41
C LEU B 174 7.12 1.32 15.18
N ALA B 175 6.37 0.29 14.81
CA ALA B 175 6.95 -1.02 14.58
C ALA B 175 8.03 -0.97 13.48
N LEU B 176 7.74 -0.22 12.42
CA LEU B 176 8.67 -0.07 11.30
C LEU B 176 9.81 0.85 11.67
N PHE B 177 9.48 1.92 12.41
CA PHE B 177 10.43 2.92 12.87
C PHE B 177 11.46 2.23 13.77
N ILE B 178 10.97 1.35 14.62
CA ILE B 178 11.82 0.61 15.56
C ILE B 178 12.72 -0.41 14.86
N ALA B 179 12.16 -1.14 13.91
CA ALA B 179 12.94 -2.14 13.18
C ALA B 179 14.01 -1.42 12.36
N ALA B 180 13.67 -0.23 11.88
CA ALA B 180 14.59 0.59 11.08
C ALA B 180 15.78 1.07 11.90
N ILE B 181 15.58 1.24 13.20
CA ILE B 181 16.63 1.69 14.10
C ILE B 181 17.58 0.52 14.41
N ILE B 182 17.03 -0.68 14.54
CA ILE B 182 17.86 -1.86 14.83
C ILE B 182 18.69 -2.25 13.61
N LEU B 183 18.03 -2.33 12.45
CA LEU B 183 18.71 -2.69 11.20
C LEU B 183 19.51 -1.52 10.67
N CYS B 184 20.56 -1.15 11.37
CA CYS B 184 21.41 -0.05 10.96
C CYS B 184 22.79 -0.51 10.49
N GLY B 185 23.13 -0.19 9.25
CA GLY B 185 24.41 -0.64 8.71
C GLY B 185 25.63 0.15 9.11
N ASP B 186 25.43 1.14 9.97
CA ASP B 186 26.50 2.02 10.42
C ASP B 186 27.15 1.58 11.73
N ARG B 187 26.52 0.66 12.44
CA ARG B 187 27.07 0.19 13.72
C ARG B 187 28.50 -0.33 13.61
N PRO B 188 29.38 0.14 14.52
CA PRO B 188 30.78 -0.26 14.56
C PRO B 188 30.99 -1.77 14.70
N GLY B 189 31.88 -2.29 13.87
CA GLY B 189 32.19 -3.71 13.90
C GLY B 189 31.18 -4.61 13.21
N LEU B 190 30.36 -4.06 12.32
CA LEU B 190 29.37 -4.87 11.60
C LEU B 190 30.07 -5.69 10.53
N MET B 191 29.83 -7.00 10.55
CA MET B 191 30.43 -7.89 9.58
C MET B 191 29.84 -7.77 8.18
N ASN B 192 28.55 -8.03 8.04
CA ASN B 192 27.90 -7.95 6.74
C ASN B 192 27.10 -6.65 6.57
N VAL B 193 27.82 -5.56 6.35
CA VAL B 193 27.19 -4.25 6.18
C VAL B 193 26.19 -4.16 5.03
N PRO B 194 26.57 -4.61 3.82
CA PRO B 194 25.64 -4.54 2.68
C PRO B 194 24.32 -5.26 2.97
N ARG B 195 24.42 -6.42 3.61
CA ARG B 195 23.25 -7.22 3.95
C ARG B 195 22.29 -6.40 4.82
N VAL B 196 22.83 -5.84 5.90
CA VAL B 196 22.05 -5.02 6.83
C VAL B 196 21.45 -3.80 6.10
N GLU B 197 22.28 -3.07 5.35
CA GLU B 197 21.80 -1.88 4.62
C GLU B 197 20.62 -2.20 3.71
N ALA B 198 20.62 -3.38 3.10
CA ALA B 198 19.55 -3.80 2.21
C ALA B 198 18.27 -4.12 3.00
N ILE B 199 18.42 -4.74 4.16
CA ILE B 199 17.24 -5.06 4.95
C ILE B 199 16.66 -3.73 5.43
N GLN B 200 17.53 -2.79 5.79
CA GLN B 200 17.05 -1.51 6.26
C GLN B 200 16.31 -0.70 5.20
N ASP B 201 16.78 -0.80 3.96
CA ASP B 201 16.15 -0.09 2.87
C ASP B 201 14.71 -0.54 2.70
N THR B 202 14.48 -1.84 2.72
CA THR B 202 13.14 -2.37 2.57
C THR B 202 12.25 -1.87 3.69
N ILE B 203 12.78 -1.86 4.91
CA ILE B 203 12.01 -1.39 6.05
C ILE B 203 11.64 0.06 5.78
N LEU B 204 12.61 0.86 5.36
CA LEU B 204 12.36 2.27 5.07
C LEU B 204 11.30 2.44 3.99
N ARG B 205 11.48 1.78 2.84
CA ARG B 205 10.50 1.89 1.76
C ARG B 205 9.15 1.42 2.32
N ALA B 206 9.21 0.44 3.22
CA ALA B 206 7.97 -0.07 3.80
C ALA B 206 7.42 1.12 4.59
N LEU B 207 8.26 1.67 5.45
CA LEU B 207 7.86 2.82 6.27
C LEU B 207 7.37 3.91 5.33
N GLU B 208 8.07 4.03 4.21
CA GLU B 208 7.76 5.00 3.17
C GLU B 208 6.29 4.98 2.79
N PHE B 209 5.88 3.87 2.16
CA PHE B 209 4.51 3.69 1.73
C PHE B 209 3.51 3.66 2.88
N HIS B 210 3.89 3.04 4.00
CA HIS B 210 3.01 2.97 5.16
C HIS B 210 2.58 4.34 5.66
N LEU B 211 3.53 5.26 5.70
CA LEU B 211 3.26 6.61 6.14
C LEU B 211 2.32 7.33 5.19
N GLN B 212 2.35 6.95 3.92
CA GLN B 212 1.49 7.56 2.90
C GLN B 212 0.03 7.25 3.14
N ALA B 213 -0.27 5.99 3.45
CA ALA B 213 -1.63 5.59 3.70
C ALA B 213 -2.09 6.01 5.09
N ASN B 214 -1.29 5.71 6.11
CA ASN B 214 -1.61 6.05 7.49
C ASN B 214 -1.58 7.54 7.86
N HIS B 215 -0.77 8.35 7.17
CA HIS B 215 -0.68 9.79 7.46
C HIS B 215 -0.61 10.67 6.21
N PRO B 216 -1.53 10.45 5.25
CA PRO B 216 -1.58 11.23 4.00
C PRO B 216 -1.56 12.73 4.22
N ASP B 217 -2.35 13.18 5.19
CA ASP B 217 -2.47 14.59 5.55
C ASP B 217 -1.13 15.22 5.95
N ALA B 218 -0.43 14.57 6.88
CA ALA B 218 0.85 15.04 7.39
C ALA B 218 1.83 15.29 6.25
N GLN B 219 2.66 16.31 6.39
CA GLN B 219 3.64 16.65 5.36
C GLN B 219 5.07 16.58 5.89
N GLN B 220 5.94 15.95 5.10
CA GLN B 220 7.35 15.80 5.45
C GLN B 220 7.57 14.84 6.61
N LEU B 221 6.56 14.04 6.95
CA LEU B 221 6.67 13.09 8.05
C LEU B 221 7.87 12.15 7.95
N PHE B 222 8.09 11.57 6.77
CA PHE B 222 9.21 10.65 6.58
C PHE B 222 10.57 11.29 6.81
N PRO B 223 10.83 12.47 6.21
CA PRO B 223 12.13 13.10 6.42
C PRO B 223 12.32 13.50 7.87
N LYS B 224 11.18 13.73 8.46
CA LYS B 224 11.08 14.12 9.84
C LYS B 224 11.58 13.00 10.71
N LEU B 225 11.03 11.79 10.42
CA LEU B 225 11.38 10.60 11.18
C LEU B 225 12.85 10.21 11.03
N LEU B 226 13.39 10.34 9.82
CA LEU B 226 14.79 10.01 9.58
C LEU B 226 15.66 10.92 10.45
N GLN B 227 15.21 12.15 10.61
CA GLN B 227 15.95 13.10 11.42
C GLN B 227 15.81 12.67 12.87
N LYS B 228 14.65 12.12 13.21
CA LYS B 228 14.41 11.68 14.58
C LYS B 228 15.41 10.56 14.91
N MET B 229 15.67 9.70 13.93
CA MET B 229 16.60 8.59 14.08
C MET B 229 18.00 9.09 14.36
N ALA B 230 18.35 10.25 13.80
CA ALA B 230 19.68 10.83 14.00
C ALA B 230 19.71 11.47 15.38
N ASP B 231 18.61 12.11 15.75
CA ASP B 231 18.51 12.75 17.06
C ASP B 231 18.71 11.68 18.12
N LEU B 232 18.01 10.57 17.95
CA LEU B 232 18.08 9.44 18.87
C LEU B 232 19.52 8.96 19.00
N ARG B 233 20.27 9.06 17.91
CA ARG B 233 21.65 8.63 17.93
C ARG B 233 22.50 9.56 18.78
N GLN B 234 22.14 10.84 18.81
CA GLN B 234 22.87 11.83 19.61
C GLN B 234 22.43 11.73 21.07
N LEU B 235 21.18 11.31 21.28
CA LEU B 235 20.61 11.16 22.62
C LEU B 235 21.34 10.05 23.38
N VAL B 236 21.53 8.90 22.73
CA VAL B 236 22.21 7.78 23.38
C VAL B 236 23.67 8.11 23.66
N THR B 237 24.34 8.84 22.75
CA THR B 237 25.74 9.22 22.93
C THR B 237 25.88 10.06 24.21
N GLU B 238 24.91 10.93 24.43
CA GLU B 238 24.90 11.78 25.61
C GLU B 238 24.60 10.85 26.78
N HIS B 239 23.65 9.96 26.56
CA HIS B 239 23.27 9.02 27.60
C HIS B 239 24.47 8.16 28.04
N ALA B 240 25.20 7.61 27.08
CA ALA B 240 26.35 6.77 27.39
C ALA B 240 27.45 7.55 28.12
N GLN B 241 27.66 8.80 27.76
CA GLN B 241 28.69 9.58 28.44
C GLN B 241 28.25 9.70 29.90
N MET B 242 27.04 10.21 30.11
CA MET B 242 26.52 10.36 31.46
C MET B 242 26.67 9.04 32.23
N MET B 243 26.34 7.92 31.58
CA MET B 243 26.44 6.61 32.23
C MET B 243 27.90 6.32 32.62
N GLN B 244 28.82 6.72 31.75
CA GLN B 244 30.24 6.50 32.02
C GLN B 244 30.65 7.26 33.27
N ARG B 245 30.19 8.50 33.39
CA ARG B 245 30.50 9.35 34.55
C ARG B 245 29.95 8.71 35.83
N ILE B 246 28.73 8.17 35.75
CA ILE B 246 28.11 7.53 36.90
C ILE B 246 28.88 6.28 37.33
N LYS B 247 29.37 5.52 36.35
CA LYS B 247 30.13 4.31 36.64
C LYS B 247 31.48 4.65 37.26
N LYS B 248 31.91 5.90 37.07
CA LYS B 248 33.19 6.41 37.58
C LYS B 248 33.13 7.04 38.97
N THR B 249 32.40 8.15 39.06
CA THR B 249 32.24 8.90 40.29
C THR B 249 31.22 8.30 41.26
N GLU B 250 30.20 7.66 40.72
CA GLU B 250 29.17 7.05 41.56
C GLU B 250 29.50 5.64 42.03
N THR B 251 30.72 5.47 42.55
CA THR B 251 31.14 4.17 43.04
C THR B 251 30.11 3.71 44.08
N GLU B 252 29.93 2.39 44.19
CA GLU B 252 28.97 1.79 45.12
C GLU B 252 27.62 1.60 44.42
N THR B 253 27.44 2.26 43.29
CA THR B 253 26.20 2.14 42.55
C THR B 253 26.55 1.08 41.52
N SER B 254 25.85 -0.05 41.56
CA SER B 254 26.15 -1.09 40.61
C SER B 254 25.49 -0.85 39.25
N LEU B 255 25.98 -1.55 38.25
CA LEU B 255 25.45 -1.43 36.90
C LEU B 255 25.20 -2.84 36.41
N HIS B 256 23.97 -3.14 35.99
CA HIS B 256 23.66 -4.48 35.51
C HIS B 256 24.78 -4.88 34.54
N PRO B 257 25.22 -6.15 34.62
CA PRO B 257 26.29 -6.64 33.75
C PRO B 257 26.04 -6.48 32.25
N LEU B 258 24.80 -6.68 31.84
CA LEU B 258 24.45 -6.56 30.43
C LEU B 258 24.67 -5.11 29.99
N LEU B 259 24.15 -4.16 30.78
CA LEU B 259 24.30 -2.76 30.45
C LEU B 259 25.79 -2.40 30.47
N GLN B 260 26.55 -3.14 31.25
CA GLN B 260 27.98 -2.89 31.33
C GLN B 260 28.66 -3.31 30.01
N GLU B 261 28.13 -4.36 29.37
CA GLU B 261 28.67 -4.88 28.10
C GLU B 261 28.36 -3.95 26.91
N ILE B 262 27.20 -3.32 26.95
CA ILE B 262 26.79 -2.41 25.89
C ILE B 262 27.57 -1.11 25.91
N TYR B 263 27.69 -0.51 27.08
CA TYR B 263 28.41 0.74 27.24
C TYR B 263 29.92 0.69 27.17
N LYS B 264 30.49 -0.42 27.63
CA LYS B 264 31.93 -0.61 27.62
C LYS B 264 32.63 -0.07 26.37
N ASP B 265 32.03 -0.28 25.20
CA ASP B 265 32.61 0.18 23.94
C ASP B 265 32.01 1.42 23.28
N MET B 266 31.42 2.30 24.07
CA MET B 266 30.82 3.52 23.53
C MET B 266 31.58 4.74 24.04
N TYR B 267 31.78 5.71 23.16
CA TYR B 267 32.49 6.94 23.52
C TYR B 267 31.79 8.17 22.97
C1 L41 C . -14.99 -5.94 -14.90
C2 L41 C . -15.42 -7.30 -14.99
C3 L41 C . -14.91 -5.35 -13.57
C4 L41 C . -14.63 -5.16 -16.20
C5 L41 C . -15.76 -8.10 -13.86
O6 L41 C . -15.47 -7.78 -16.30
C7 L41 C . -15.26 -6.14 -12.43
O8 L41 C . -14.55 -4.17 -13.42
C9 L41 C . -15.88 -4.60 -16.88
C10 L41 C . -15.68 -7.52 -12.58
C11 L41 C . -16.09 -9.03 -16.65
C12 L41 C . -15.16 -5.54 -11.07
C13 L41 C . -15.64 -4.07 -18.29
C14 L41 C . -16.07 -9.15 -18.17
C15 L41 C . -15.35 -6.44 -9.85
O16 L41 C . -14.94 -4.34 -10.84
C17 L41 C . -17.02 -8.12 -18.71
O18 L41 C . -18.37 -8.40 -18.23
C19 L41 C . -19.44 -7.42 -18.26
C20 L41 C . -20.72 -7.79 -17.64
C21 L41 C . -19.19 -6.15 -18.91
C22 L41 C . -21.77 -6.80 -17.65
C23 L41 C . -20.21 -5.19 -18.87
C24 L41 C . -21.46 -5.50 -18.23
O25 L41 C . -22.48 -4.56 -18.18
C26 L41 C . -22.32 -3.14 -18.43
C27 L41 C . -22.41 -2.82 -19.95
O28 L41 C . -22.20 -1.63 -20.35
O29 L41 C . -22.68 -3.77 -20.71
C1 L41 D . 11.78 4.49 33.73
C2 L41 D . 12.14 5.83 33.94
C3 L41 D . 11.33 3.68 34.81
C4 L41 D . 11.90 3.93 32.32
C5 L41 D . 12.04 6.42 35.23
O6 L41 D . 12.57 6.52 32.82
C7 L41 D . 11.24 4.27 36.11
O8 L41 D . 11.01 2.49 34.62
C9 L41 D . 13.29 3.37 32.01
C10 L41 D . 11.59 5.63 36.29
C11 L41 D . 13.20 7.83 32.88
C12 L41 D . 10.74 3.48 37.28
C13 L41 D . 13.44 3.30 30.48
C14 L41 D . 13.71 8.22 31.48
C15 L41 D . 10.60 4.15 38.68
O16 L41 D . 10.40 2.31 37.22
C17 L41 D . 14.80 7.25 31.08
O18 L41 D . 15.88 7.40 32.00
C19 L41 D . 16.89 6.40 32.11
C20 L41 D . 17.95 6.68 33.09
C21 L41 D . 16.89 5.18 31.29
C22 L41 D . 19.00 5.69 33.27
C23 L41 D . 17.92 4.20 31.50
C24 L41 D . 18.95 4.48 32.49
O25 L41 D . 19.99 3.61 32.78
C26 L41 D . 19.99 2.23 32.24
C27 L41 D . 20.54 2.14 30.79
O28 L41 D . 20.31 1.14 30.12
O29 L41 D . 21.21 3.11 30.34
#